data_6L1P
#
_entry.id   6L1P
#
_cell.length_a   51.801
_cell.length_b   52.574
_cell.length_c   101.392
_cell.angle_alpha   90.000
_cell.angle_beta   90.000
_cell.angle_gamma   90.000
#
_symmetry.space_group_name_H-M   'P 21 21 21'
#
loop_
_entity.id
_entity.type
_entity.pdbx_description
1 polymer 'PHD finger protein 20-like protein 1'
2 non-polymer 4-(1-methyl-3,6-dihydro-2H-pyridin-4-yl)phenol
3 non-polymer GLYCEROL
4 non-polymer 'SULFATE ION'
5 water water
#
_entity_poly.entity_id   1
_entity_poly.type   'polypeptide(L)'
_entity_poly.pdbx_seq_one_letter_code
;GSHMPPNRPGITFEIGARLEALDYLQKWYPSRIEKIDYEEGKMLVHFERWSHRYDEWIYWDSNRLRPLER
;
_entity_poly.pdbx_strand_id   B,A,C,D
#
loop_
_chem_comp.id
_chem_comp.type
_chem_comp.name
_chem_comp.formula
E3X non-polymer 4-(1-methyl-3,6-dihydro-2H-pyridin-4-yl)phenol 'C12 H15 N O'
GOL non-polymer GLYCEROL 'C3 H8 O3'
SO4 non-polymer 'SULFATE ION' 'O4 S -2'
#
# COMPACT_ATOMS: atom_id res chain seq x y z
N SER A 2 -28.43 16.17 0.69
CA SER A 2 -27.21 15.62 1.28
C SER A 2 -27.08 16.00 2.76
N HIS A 3 -26.90 14.99 3.60
CA HIS A 3 -26.88 15.17 5.04
C HIS A 3 -25.64 14.52 5.64
N MET A 4 -25.35 14.87 6.89
CA MET A 4 -24.16 14.37 7.55
C MET A 4 -24.34 12.92 7.94
N PRO A 5 -23.24 12.17 8.06
CA PRO A 5 -23.31 10.80 8.56
C PRO A 5 -23.81 10.78 10.00
N PRO A 6 -24.72 9.87 10.34
CA PRO A 6 -25.17 9.77 11.74
C PRO A 6 -24.01 9.49 12.69
N ASN A 7 -24.13 10.01 13.91
CA ASN A 7 -23.08 9.83 14.90
C ASN A 7 -22.96 8.35 15.29
N ARG A 8 -21.73 7.91 15.50
CA ARG A 8 -21.43 6.57 16.02
C ARG A 8 -20.30 6.68 17.04
N PRO A 9 -20.37 5.91 18.13
CA PRO A 9 -19.38 6.02 19.20
C PRO A 9 -17.96 5.83 18.69
N GLY A 10 -17.10 6.79 19.00
CA GLY A 10 -15.68 6.62 18.77
C GLY A 10 -15.21 6.80 17.35
N ILE A 11 -16.13 6.99 16.40
CA ILE A 11 -15.78 7.22 15.01
C ILE A 11 -16.13 8.65 14.66
N THR A 12 -15.20 9.36 14.05
CA THR A 12 -15.46 10.69 13.51
C THR A 12 -15.54 10.54 12.00
N PHE A 13 -16.67 10.93 11.42
CA PHE A 13 -16.88 10.77 9.98
C PHE A 13 -16.37 12.01 9.25
N GLU A 14 -15.04 12.11 9.19
CA GLU A 14 -14.34 13.18 8.50
C GLU A 14 -13.17 12.58 7.75
N ILE A 15 -12.75 13.26 6.67
CA ILE A 15 -11.64 12.78 5.86
C ILE A 15 -10.39 12.67 6.72
N GLY A 16 -9.68 11.55 6.58
CA GLY A 16 -8.48 11.32 7.33
C GLY A 16 -8.68 10.75 8.71
N ALA A 17 -9.91 10.70 9.20
CA ALA A 17 -10.15 10.12 10.52
C ALA A 17 -9.84 8.63 10.51
N ARG A 18 -9.30 8.14 11.63
CA ARG A 18 -8.86 6.77 11.75
C ARG A 18 -9.89 5.93 12.49
N LEU A 19 -9.87 4.64 12.19
CA LEU A 19 -10.79 3.66 12.73
C LEU A 19 -10.19 2.31 12.36
N GLU A 20 -10.91 1.24 12.66
CA GLU A 20 -10.53 -0.09 12.19
C GLU A 20 -11.66 -0.66 11.35
N ALA A 21 -11.29 -1.40 10.31
CA ALA A 21 -12.28 -1.88 9.35
C ALA A 21 -11.94 -3.30 8.93
N LEU A 22 -13.00 -4.07 8.65
CA LEU A 22 -12.86 -5.42 8.12
C LEU A 22 -12.72 -5.35 6.62
N ASP A 23 -11.66 -5.93 6.09
CA ASP A 23 -11.51 -6.02 4.65
C ASP A 23 -12.35 -7.15 4.08
N TYR A 24 -12.30 -7.31 2.76
CA TYR A 24 -13.07 -8.35 2.09
C TYR A 24 -12.60 -9.76 2.45
N LEU A 25 -11.41 -9.88 3.05
CA LEU A 25 -10.92 -11.16 3.56
C LEU A 25 -11.23 -11.36 5.03
N GLN A 26 -12.06 -10.48 5.61
CA GLN A 26 -12.63 -10.67 6.95
C GLN A 26 -11.60 -10.52 8.06
N LYS A 27 -10.64 -9.61 7.88
CA LYS A 27 -9.67 -9.29 8.92
C LYS A 27 -9.71 -7.79 9.18
N TRP A 28 -9.46 -7.42 10.44
CA TRP A 28 -9.49 -6.02 10.86
C TRP A 28 -8.14 -5.35 10.64
N TYR A 29 -8.18 -4.09 10.19
CA TYR A 29 -6.98 -3.30 9.99
C TYR A 29 -7.21 -1.86 10.41
N PRO A 30 -6.22 -1.22 11.02
CA PRO A 30 -6.25 0.24 11.16
C PRO A 30 -6.40 0.88 9.79
N SER A 31 -7.30 1.85 9.70
CA SER A 31 -7.76 2.39 8.44
C SER A 31 -8.05 3.87 8.61
N ARG A 32 -8.21 4.56 7.49
CA ARG A 32 -8.63 5.95 7.51
C ARG A 32 -9.72 6.18 6.47
N ILE A 33 -10.51 7.21 6.70
CA ILE A 33 -11.56 7.60 5.76
C ILE A 33 -10.92 8.40 4.63
N GLU A 34 -11.00 7.86 3.42
CA GLU A 34 -10.41 8.46 2.22
C GLU A 34 -11.36 9.42 1.52
N LYS A 35 -12.64 9.05 1.44
CA LYS A 35 -13.66 9.85 0.77
C LYS A 35 -14.99 9.56 1.45
N ILE A 36 -15.92 10.50 1.34
CA ILE A 36 -17.28 10.31 1.86
C ILE A 36 -18.27 10.61 0.75
N ASP A 37 -19.21 9.69 0.54
CA ASP A 37 -20.34 9.88 -0.38
C ASP A 37 -21.57 10.11 0.49
N TYR A 38 -21.97 11.38 0.62
CA TYR A 38 -23.08 11.73 1.50
C TYR A 38 -24.42 11.27 0.94
N GLU A 39 -24.57 11.29 -0.38
CA GLU A 39 -25.83 10.87 -0.98
C GLU A 39 -26.08 9.38 -0.76
N GLU A 40 -25.06 8.55 -1.02
CA GLU A 40 -25.20 7.11 -0.89
C GLU A 40 -24.97 6.62 0.53
N GLY A 41 -24.52 7.49 1.43
CA GLY A 41 -24.30 7.09 2.83
C GLY A 41 -23.16 6.12 3.02
N LYS A 42 -22.07 6.29 2.30
CA LYS A 42 -20.96 5.36 2.38
C LYS A 42 -19.66 6.13 2.35
N MET A 43 -18.59 5.46 2.69
CA MET A 43 -17.27 6.08 2.64
CA MET A 43 -17.28 6.09 2.63
C MET A 43 -16.26 5.11 2.09
N LEU A 44 -15.24 5.66 1.46
CA LEU A 44 -14.15 4.88 0.93
C LEU A 44 -13.12 4.75 2.03
N VAL A 45 -12.86 3.52 2.43
CA VAL A 45 -11.98 3.22 3.54
C VAL A 45 -10.62 2.79 2.97
N HIS A 46 -9.56 3.42 3.45
CA HIS A 46 -8.20 3.03 3.09
C HIS A 46 -7.60 2.24 4.24
N PHE A 47 -7.08 1.06 3.94
CA PHE A 47 -6.43 0.21 4.93
C PHE A 47 -4.96 0.61 5.02
N GLU A 48 -4.54 1.11 6.18
CA GLU A 48 -3.19 1.64 6.31
C GLU A 48 -2.15 0.59 5.97
N ARG A 49 -1.09 1.03 5.28
CA ARG A 49 0.05 0.25 4.82
C ARG A 49 -0.17 -0.39 3.46
N TRP A 50 -1.41 -0.51 3.01
CA TRP A 50 -1.73 -1.26 1.80
C TRP A 50 -1.95 -0.34 0.61
N SER A 51 -1.89 -0.93 -0.58
CA SER A 51 -2.21 -0.21 -1.79
C SER A 51 -3.63 0.36 -1.73
N HIS A 52 -3.79 1.54 -2.35
CA HIS A 52 -5.14 2.09 -2.54
C HIS A 52 -6.00 1.25 -3.45
N ARG A 53 -5.43 0.31 -4.21
CA ARG A 53 -6.26 -0.63 -4.95
C ARG A 53 -7.14 -1.45 -4.03
N TYR A 54 -6.79 -1.54 -2.74
CA TYR A 54 -7.60 -2.27 -1.78
C TYR A 54 -8.65 -1.41 -1.07
N ASP A 55 -8.75 -0.13 -1.41
CA ASP A 55 -9.72 0.72 -0.73
C ASP A 55 -11.12 0.19 -1.02
N GLU A 56 -11.98 0.21 0.01
CA GLU A 56 -13.31 -0.36 -0.10
C GLU A 56 -14.37 0.65 0.33
N TRP A 57 -15.46 0.69 -0.43
CA TRP A 57 -16.62 1.48 -0.05
C TRP A 57 -17.42 0.70 0.99
N ILE A 58 -17.64 1.33 2.15
CA ILE A 58 -18.35 0.71 3.27
C ILE A 58 -19.42 1.68 3.73
N TYR A 59 -20.64 1.20 3.90
CA TYR A 59 -21.71 2.08 4.32
C TYR A 59 -21.47 2.55 5.76
N TRP A 60 -21.86 3.80 6.03
CA TRP A 60 -21.43 4.42 7.27
C TRP A 60 -22.05 3.77 8.49
N ASP A 61 -23.12 3.00 8.33
CA ASP A 61 -23.73 2.26 9.42
C ASP A 61 -23.20 0.83 9.54
N SER A 62 -22.19 0.46 8.77
CA SER A 62 -21.79 -0.94 8.71
C SER A 62 -21.07 -1.38 9.97
N ASN A 63 -21.32 -2.62 10.37
CA ASN A 63 -20.57 -3.25 11.44
C ASN A 63 -19.19 -3.74 10.99
N ARG A 64 -18.82 -3.52 9.74
CA ARG A 64 -17.43 -3.69 9.31
C ARG A 64 -16.52 -2.56 9.78
N LEU A 65 -17.07 -1.56 10.47
CA LEU A 65 -16.31 -0.45 11.01
C LEU A 65 -16.37 -0.54 12.53
N ARG A 66 -15.24 -0.30 13.19
CA ARG A 66 -15.21 -0.19 14.64
C ARG A 66 -14.22 0.90 15.02
N PRO A 67 -14.45 1.61 16.12
CA PRO A 67 -13.52 2.66 16.49
C PRO A 67 -12.22 2.07 17.03
N LEU A 68 -11.17 2.88 16.97
CA LEU A 68 -9.95 2.55 17.70
C LEU A 68 -10.26 2.44 19.18
N GLU A 69 -9.57 1.52 19.86
CA GLU A 69 -9.61 1.49 21.32
C GLU A 69 -8.84 2.69 21.85
N ARG A 70 -9.46 3.43 22.74
CA ARG A 70 -8.82 4.63 23.30
C ARG A 70 -8.88 4.63 24.82
N HIS B 3 25.85 5.96 -16.18
CA HIS B 3 26.03 4.53 -16.04
C HIS B 3 24.77 3.78 -16.46
N MET B 4 24.90 2.49 -16.72
CA MET B 4 23.77 1.66 -17.09
C MET B 4 23.75 0.40 -16.25
N PRO B 5 22.57 -0.21 -16.08
CA PRO B 5 22.47 -1.38 -15.23
C PRO B 5 23.28 -2.54 -15.77
N PRO B 6 23.71 -3.44 -14.90
CA PRO B 6 24.39 -4.66 -15.36
C PRO B 6 23.39 -5.59 -16.03
N ASN B 7 23.93 -6.47 -16.87
CA ASN B 7 23.11 -7.54 -17.43
C ASN B 7 23.07 -8.69 -16.43
N ARG B 8 21.94 -8.82 -15.73
CA ARG B 8 21.75 -9.84 -14.73
C ARG B 8 20.67 -10.82 -15.16
N PRO B 9 20.85 -12.10 -14.89
CA PRO B 9 19.93 -13.11 -15.40
C PRO B 9 18.49 -12.86 -14.95
N GLY B 10 17.59 -12.80 -15.92
CA GLY B 10 16.16 -12.77 -15.64
C GLY B 10 15.61 -11.45 -15.18
N ILE B 11 16.44 -10.42 -15.02
CA ILE B 11 15.99 -9.10 -14.57
C ILE B 11 16.02 -8.15 -15.75
N THR B 12 14.92 -7.46 -15.97
CA THR B 12 14.84 -6.41 -16.99
C THR B 12 14.80 -5.07 -16.29
N PHE B 13 15.80 -4.23 -16.56
CA PHE B 13 15.90 -2.91 -15.91
C PHE B 13 15.14 -1.87 -16.75
N GLU B 14 13.82 -1.94 -16.67
CA GLU B 14 12.95 -1.00 -17.35
C GLU B 14 11.80 -0.65 -16.43
N ILE B 15 11.29 0.58 -16.56
CA ILE B 15 10.16 1.01 -15.73
C ILE B 15 8.99 0.07 -15.94
N GLY B 16 8.39 -0.38 -14.84
CA GLY B 16 7.26 -1.28 -14.89
C GLY B 16 7.61 -2.75 -14.90
N ALA B 17 8.87 -3.10 -15.13
CA ALA B 17 9.25 -4.51 -15.13
C ALA B 17 9.12 -5.10 -13.74
N ARG B 18 8.75 -6.37 -13.68
CA ARG B 18 8.55 -7.06 -12.41
C ARG B 18 9.77 -7.90 -12.04
N LEU B 19 9.93 -8.10 -10.74
CA LEU B 19 10.97 -8.93 -10.16
C LEU B 19 10.54 -9.21 -8.72
N GLU B 20 11.43 -9.80 -7.94
CA GLU B 20 11.20 -9.96 -6.51
C GLU B 20 12.30 -9.25 -5.74
N ALA B 21 11.94 -8.62 -4.63
CA ALA B 21 12.89 -7.82 -3.88
C ALA B 21 12.70 -8.05 -2.39
N LEU B 22 13.81 -8.00 -1.66
CA LEU B 22 13.81 -8.07 -0.21
C LEU B 22 13.53 -6.68 0.35
N ASP B 23 12.49 -6.56 1.17
CA ASP B 23 12.24 -5.28 1.83
C ASP B 23 13.17 -5.10 3.03
N TYR B 24 13.02 -3.95 3.70
CA TYR B 24 13.86 -3.63 4.84
C TYR B 24 13.64 -4.58 6.01
N LEU B 25 12.52 -5.29 6.02
CA LEU B 25 12.21 -6.31 7.03
C LEU B 25 12.68 -7.70 6.60
N GLN B 26 13.42 -7.79 5.50
CA GLN B 26 14.10 -9.01 5.10
C GLN B 26 13.13 -10.09 4.61
N LYS B 27 12.08 -9.68 3.92
CA LYS B 27 11.12 -10.60 3.31
C LYS B 27 11.02 -10.31 1.83
N TRP B 28 10.88 -11.35 1.01
CA TRP B 28 10.79 -11.20 -0.44
C TRP B 28 9.36 -10.89 -0.88
N TYR B 29 9.22 -9.98 -1.83
CA TYR B 29 7.90 -9.67 -2.40
C TYR B 29 7.98 -9.45 -3.89
N PRO B 30 6.97 -9.89 -4.64
CA PRO B 30 6.83 -9.43 -6.03
C PRO B 30 6.74 -7.93 -6.07
N SER B 31 7.49 -7.33 -7.01
CA SER B 31 7.73 -5.91 -7.04
C SER B 31 7.83 -5.45 -8.49
N ARG B 32 7.74 -4.13 -8.67
CA ARG B 32 7.99 -3.54 -9.98
C ARG B 32 8.93 -2.36 -9.84
N ILE B 33 9.61 -2.06 -10.93
CA ILE B 33 10.53 -0.94 -10.98
C ILE B 33 9.73 0.34 -11.25
N GLU B 34 9.78 1.28 -10.29
CA GLU B 34 9.03 2.53 -10.38
C GLU B 34 9.82 3.63 -11.06
N LYS B 35 11.10 3.74 -10.75
CA LYS B 35 11.98 4.79 -11.23
C LYS B 35 13.38 4.23 -11.31
N ILE B 36 14.17 4.76 -12.23
CA ILE B 36 15.58 4.41 -12.34
C ILE B 36 16.40 5.68 -12.26
N ASP B 37 17.38 5.67 -11.36
CA ASP B 37 18.34 6.77 -11.18
C ASP B 37 19.64 6.31 -11.81
N TYR B 38 19.88 6.72 -13.05
CA TYR B 38 21.08 6.33 -13.76
C TYR B 38 22.32 7.04 -13.23
N GLU B 39 22.16 8.21 -12.60
CA GLU B 39 23.32 8.89 -12.02
C GLU B 39 23.88 8.11 -10.84
N GLU B 40 23.01 7.58 -9.98
CA GLU B 40 23.46 6.89 -8.77
C GLU B 40 23.46 5.37 -8.89
N GLY B 41 22.97 4.81 -10.00
CA GLY B 41 22.99 3.37 -10.17
C GLY B 41 22.02 2.63 -9.29
N LYS B 42 20.83 3.17 -9.10
CA LYS B 42 19.83 2.58 -8.22
C LYS B 42 18.46 2.75 -8.83
N MET B 43 17.49 2.01 -8.30
CA MET B 43 16.13 2.09 -8.79
C MET B 43 15.17 2.06 -7.61
N LEU B 44 14.03 2.72 -7.81
CA LEU B 44 12.99 2.74 -6.79
C LEU B 44 12.09 1.55 -7.05
N VAL B 45 12.02 0.66 -6.07
CA VAL B 45 11.28 -0.59 -6.19
C VAL B 45 9.98 -0.42 -5.42
N HIS B 46 8.87 -0.75 -6.08
CA HIS B 46 7.55 -0.76 -5.45
C HIS B 46 7.16 -2.21 -5.15
N PHE B 47 6.81 -2.47 -3.90
CA PHE B 47 6.38 -3.80 -3.48
C PHE B 47 4.88 -3.92 -3.74
N GLU B 48 4.51 -4.83 -4.64
CA GLU B 48 3.11 -4.93 -5.05
C GLU B 48 2.22 -5.22 -3.85
N ARG B 49 1.04 -4.60 -3.85
CA ARG B 49 0.00 -4.71 -2.82
C ARG B 49 0.17 -3.73 -1.68
N TRP B 50 1.35 -3.13 -1.54
CA TRP B 50 1.68 -2.28 -0.41
C TRP B 50 1.65 -0.81 -0.79
N SER B 51 1.57 0.04 0.24
CA SER B 51 1.66 1.48 0.05
C SER B 51 2.97 1.88 -0.61
N HIS B 52 2.92 2.93 -1.42
CA HIS B 52 4.12 3.54 -1.97
C HIS B 52 5.02 4.17 -0.92
N ARG B 53 4.52 4.38 0.30
CA ARG B 53 5.39 4.77 1.41
C ARG B 53 6.47 3.72 1.68
N TYR B 54 6.30 2.51 1.18
CA TYR B 54 7.29 1.45 1.36
C TYR B 54 8.20 1.28 0.15
N ASP B 55 8.10 2.13 -0.85
CA ASP B 55 9.00 2.01 -2.00
C ASP B 55 10.43 2.25 -1.53
N GLU B 56 11.37 1.45 -2.04
CA GLU B 56 12.75 1.48 -1.58
C GLU B 56 13.71 1.65 -2.75
N TRP B 57 14.72 2.51 -2.54
CA TRP B 57 15.82 2.63 -3.49
C TRP B 57 16.80 1.50 -3.25
N ILE B 58 17.05 0.69 -4.28
CA ILE B 58 17.94 -0.45 -4.20
C ILE B 58 18.95 -0.33 -5.35
N TYR B 59 20.23 -0.49 -5.04
CA TYR B 59 21.25 -0.40 -6.07
C TYR B 59 21.15 -1.59 -7.03
N TRP B 60 21.50 -1.33 -8.29
CA TRP B 60 21.24 -2.26 -9.39
C TRP B 60 21.95 -3.59 -9.22
N ASP B 61 23.09 -3.59 -8.52
N ASP B 61 23.08 -3.59 -8.52
CA ASP B 61 23.88 -4.79 -8.33
CA ASP B 61 23.87 -4.81 -8.34
C ASP B 61 23.49 -5.57 -7.08
C ASP B 61 23.48 -5.58 -7.08
N SER B 62 22.46 -5.13 -6.35
CA SER B 62 22.16 -5.70 -5.05
C SER B 62 21.60 -7.12 -5.13
N ASN B 63 22.03 -7.96 -4.20
CA ASN B 63 21.44 -9.27 -4.03
C ASN B 63 20.10 -9.24 -3.31
N ARG B 64 19.60 -8.05 -3.00
CA ARG B 64 18.20 -7.91 -2.58
C ARG B 64 17.23 -7.99 -3.75
N LEU B 65 17.72 -8.12 -4.98
CA LEU B 65 16.90 -8.29 -6.16
C LEU B 65 17.09 -9.70 -6.70
N ARG B 66 15.99 -10.33 -7.10
CA ARG B 66 16.07 -11.62 -7.79
C ARG B 66 14.98 -11.66 -8.85
N PRO B 67 15.20 -12.37 -9.95
CA PRO B 67 14.18 -12.45 -10.98
C PRO B 67 13.02 -13.33 -10.56
N LEU B 68 11.88 -13.10 -11.18
CA LEU B 68 10.78 -14.06 -11.08
C LEU B 68 11.23 -15.41 -11.63
N GLU B 69 10.72 -16.48 -11.01
CA GLU B 69 10.97 -17.82 -11.52
C GLU B 69 10.22 -18.05 -12.80
N ARG B 70 10.94 -18.45 -13.84
CA ARG B 70 10.37 -18.72 -15.15
C ARG B 70 9.61 -20.04 -15.13
N GLY C 1 27.57 1.64 21.59
CA GLY C 1 28.08 2.79 20.86
C GLY C 1 27.02 3.40 19.95
N SER C 2 27.43 4.37 19.15
CA SER C 2 26.53 5.03 18.22
C SER C 2 26.19 4.09 17.06
N HIS C 3 24.91 3.99 16.74
CA HIS C 3 24.41 3.03 15.75
C HIS C 3 23.93 3.74 14.49
N MET C 4 24.33 3.22 13.34
CA MET C 4 23.71 3.63 12.07
C MET C 4 22.21 3.36 12.15
N PRO C 5 21.36 4.32 11.80
CA PRO C 5 19.91 4.08 11.83
C PRO C 5 19.51 3.00 10.85
N PRO C 6 18.36 2.37 11.07
CA PRO C 6 17.91 1.33 10.15
C PRO C 6 17.50 1.93 8.81
N ASN C 7 17.48 1.05 7.82
CA ASN C 7 16.80 1.38 6.58
C ASN C 7 15.31 1.46 6.85
N ARG C 8 14.76 2.66 6.85
CA ARG C 8 13.32 2.88 6.86
C ARG C 8 13.02 3.56 5.54
N PRO C 9 12.23 2.96 4.65
CA PRO C 9 11.93 3.60 3.37
C PRO C 9 11.35 5.00 3.58
N GLY C 10 11.88 5.97 2.85
CA GLY C 10 11.33 7.31 2.82
C GLY C 10 11.66 8.18 4.01
N ILE C 11 12.35 7.66 5.01
CA ILE C 11 12.68 8.42 6.20
C ILE C 11 14.16 8.81 6.15
N THR C 12 14.41 10.10 6.26
CA THR C 12 15.76 10.66 6.28
C THR C 12 16.13 10.93 7.73
N PHE C 13 17.23 10.33 8.19
CA PHE C 13 17.66 10.45 9.57
C PHE C 13 18.60 11.64 9.71
N GLU C 14 18.00 12.83 9.66
CA GLU C 14 18.74 14.07 9.79
C GLU C 14 17.91 15.02 10.63
N ILE C 15 18.59 15.84 11.43
CA ILE C 15 17.88 16.84 12.22
C ILE C 15 17.11 17.74 11.29
N GLY C 16 15.84 17.99 11.62
CA GLY C 16 14.99 18.80 10.79
C GLY C 16 14.26 18.06 9.70
N ALA C 17 14.63 16.81 9.43
CA ALA C 17 13.94 16.09 8.37
C ALA C 17 12.50 15.82 8.76
N ARG C 18 11.61 15.85 7.77
CA ARG C 18 10.19 15.70 7.99
C ARG C 18 9.74 14.28 7.74
N LEU C 19 8.66 13.92 8.41
CA LEU C 19 7.99 12.63 8.30
C LEU C 19 6.61 12.83 8.89
N GLU C 20 5.85 11.76 9.02
CA GLU C 20 4.58 11.80 9.74
C GLU C 20 4.64 10.84 10.92
N ALA C 21 4.05 11.24 12.02
CA ALA C 21 4.10 10.46 13.25
C ALA C 21 2.72 10.39 13.88
N LEU C 22 2.44 9.25 14.47
CA LEU C 22 1.22 9.02 15.23
C LEU C 22 1.45 9.52 16.65
N ASP C 23 0.65 10.47 17.11
CA ASP C 23 0.80 10.97 18.46
C ASP C 23 0.17 9.99 19.46
N TYR C 24 0.30 10.32 20.74
CA TYR C 24 -0.24 9.45 21.78
C TYR C 24 -1.75 9.35 21.73
N LEU C 25 -2.41 10.25 21.02
CA LEU C 25 -3.85 10.22 20.81
C LEU C 25 -4.25 9.54 19.51
N GLN C 26 -3.29 8.88 18.85
CA GLN C 26 -3.55 7.98 17.72
C GLN C 26 -3.97 8.72 16.45
N LYS C 27 -3.42 9.90 16.23
CA LYS C 27 -3.64 10.67 15.00
C LYS C 27 -2.30 10.98 14.36
N TRP C 28 -2.25 10.95 13.03
CA TRP C 28 -1.03 11.24 12.27
C TRP C 28 -0.85 12.74 12.09
N TYR C 29 0.40 13.20 12.22
CA TYR C 29 0.73 14.60 12.02
C TYR C 29 2.05 14.74 11.27
N PRO C 30 2.13 15.65 10.32
CA PRO C 30 3.45 16.06 9.80
C PRO C 30 4.32 16.53 10.93
N SER C 31 5.56 16.07 10.94
CA SER C 31 6.45 16.21 12.07
C SER C 31 7.87 16.36 11.55
N ARG C 32 8.76 16.78 12.44
CA ARG C 32 10.18 16.85 12.11
C ARG C 32 11.00 16.21 13.22
N ILE C 33 12.20 15.77 12.85
CA ILE C 33 13.14 15.17 13.79
C ILE C 33 13.86 16.28 14.54
N GLU C 34 13.66 16.35 15.85
CA GLU C 34 14.31 17.37 16.67
C GLU C 34 15.67 16.91 17.18
N LYS C 35 15.79 15.64 17.56
CA LYS C 35 17.02 15.06 18.07
C LYS C 35 17.05 13.61 17.67
N ILE C 36 18.26 13.07 17.51
CA ILE C 36 18.46 11.64 17.28
C ILE C 36 19.41 11.12 18.34
N ASP C 37 18.97 10.10 19.07
CA ASP C 37 19.79 9.39 20.04
C ASP C 37 20.28 8.12 19.34
N TYR C 38 21.53 8.15 18.87
CA TYR C 38 22.09 7.02 18.13
C TYR C 38 22.49 5.86 19.04
N GLU C 39 22.60 6.08 20.34
CA GLU C 39 22.93 4.96 21.23
C GLU C 39 21.69 4.14 21.57
N GLU C 40 20.59 4.81 21.91
CA GLU C 40 19.36 4.10 22.25
C GLU C 40 18.48 3.85 21.04
N GLY C 41 18.77 4.45 19.89
CA GLY C 41 18.00 4.20 18.69
C GLY C 41 16.61 4.80 18.74
N LYS C 42 16.53 6.07 19.11
CA LYS C 42 15.25 6.74 19.17
C LYS C 42 15.43 8.18 18.72
N MET C 43 14.31 8.83 18.40
CA MET C 43 14.33 10.20 17.92
CA MET C 43 14.30 10.20 17.88
C MET C 43 13.28 11.00 18.66
N LEU C 44 13.60 12.26 18.93
CA LEU C 44 12.64 13.19 19.51
C LEU C 44 11.89 13.84 18.36
N VAL C 45 10.59 13.60 18.31
CA VAL C 45 9.75 14.03 17.20
C VAL C 45 8.96 15.25 17.63
N HIS C 46 9.00 16.30 16.81
CA HIS C 46 8.18 17.47 17.02
C HIS C 46 7.02 17.47 16.05
N PHE C 47 5.81 17.62 16.58
CA PHE C 47 4.61 17.65 15.74
C PHE C 47 4.41 19.07 15.26
N GLU C 48 4.49 19.28 13.94
CA GLU C 48 4.43 20.63 13.39
C GLU C 48 3.14 21.31 13.83
N ARG C 49 3.25 22.60 14.14
CA ARG C 49 2.18 23.51 14.55
C ARG C 49 1.91 23.50 16.05
N TRP C 50 2.38 22.46 16.74
CA TRP C 50 2.04 22.25 18.13
C TRP C 50 3.18 22.67 19.05
N SER C 51 2.84 22.86 20.33
CA SER C 51 3.84 23.16 21.34
C SER C 51 4.89 22.06 21.42
N HIS C 52 6.12 22.48 21.74
CA HIS C 52 7.18 21.51 22.03
C HIS C 52 6.92 20.69 23.28
N ARG C 53 5.94 21.07 24.11
CA ARG C 53 5.54 20.19 25.21
C ARG C 53 4.97 18.87 24.72
N TYR C 54 4.63 18.77 23.44
CA TYR C 54 4.13 17.51 22.90
C TYR C 54 5.21 16.70 22.19
N ASP C 55 6.46 17.16 22.19
CA ASP C 55 7.52 16.40 21.51
C ASP C 55 7.67 15.03 22.17
N GLU C 56 7.78 13.99 21.35
CA GLU C 56 7.75 12.60 21.81
CA GLU C 56 7.81 12.64 21.89
C GLU C 56 9.01 11.86 21.37
N TRP C 57 9.62 11.10 22.27
CA TRP C 57 10.67 10.16 21.89
C TRP C 57 10.01 8.91 21.31
N ILE C 58 10.39 8.56 20.09
CA ILE C 58 9.87 7.39 19.41
C ILE C 58 11.05 6.58 18.90
N TYR C 59 11.06 5.29 19.19
CA TYR C 59 12.14 4.43 18.72
C TYR C 59 12.11 4.35 17.20
N TRP C 60 13.30 4.29 16.59
CA TRP C 60 13.36 4.51 15.16
C TRP C 60 12.86 3.33 14.33
N ASP C 61 12.59 2.17 14.94
CA ASP C 61 11.93 1.08 14.26
C ASP C 61 10.41 1.13 14.39
N SER C 62 9.85 2.17 15.01
CA SER C 62 8.44 2.16 15.34
C SER C 62 7.54 2.34 14.13
N ASN C 63 6.44 1.61 14.10
CA ASN C 63 5.40 1.81 13.10
C ASN C 63 4.53 3.03 13.37
N ARG C 64 4.82 3.78 14.43
CA ARG C 64 4.24 5.10 14.63
C ARG C 64 4.91 6.16 13.77
N LEU C 65 5.91 5.80 12.98
CA LEU C 65 6.54 6.70 12.03
C LEU C 65 6.25 6.23 10.63
N ARG C 66 5.94 7.16 9.72
CA ARG C 66 5.80 6.83 8.32
C ARG C 66 6.35 7.99 7.51
N PRO C 67 6.89 7.74 6.32
CA PRO C 67 7.41 8.84 5.51
C PRO C 67 6.28 9.67 4.92
N LEU C 68 6.61 10.91 4.54
CA LEU C 68 5.69 11.69 3.73
C LEU C 68 5.44 10.96 2.42
N GLU C 69 4.25 11.12 1.87
CA GLU C 69 3.96 10.61 0.54
C GLU C 69 4.74 11.41 -0.49
N ARG C 70 5.40 10.71 -1.41
CA ARG C 70 6.18 11.36 -2.46
C ARG C 70 5.32 11.70 -3.67
N SER D 2 -22.93 -17.42 -3.54
CA SER D 2 -22.97 -18.84 -3.84
C SER D 2 -21.60 -19.49 -3.68
N HIS D 3 -20.67 -19.14 -4.59
CA HIS D 3 -19.29 -19.60 -4.52
C HIS D 3 -18.31 -18.45 -4.70
N MET D 4 -18.78 -17.22 -4.58
CA MET D 4 -17.99 -16.01 -4.78
C MET D 4 -18.78 -14.82 -4.26
N PRO D 5 -18.10 -13.75 -3.90
CA PRO D 5 -18.80 -12.50 -3.55
C PRO D 5 -19.20 -11.75 -4.80
N PRO D 6 -19.99 -10.68 -4.67
CA PRO D 6 -20.36 -9.88 -5.85
C PRO D 6 -19.21 -9.08 -6.44
N ASN D 7 -18.15 -8.85 -5.68
CA ASN D 7 -17.06 -7.98 -6.11
C ASN D 7 -15.86 -8.25 -5.22
N ARG D 8 -14.74 -7.64 -5.58
CA ARG D 8 -13.64 -7.41 -4.68
C ARG D 8 -13.26 -5.95 -4.84
N PRO D 9 -12.33 -5.43 -4.02
CA PRO D 9 -12.06 -3.98 -4.10
C PRO D 9 -11.74 -3.52 -5.52
N GLY D 10 -12.51 -2.55 -6.01
CA GLY D 10 -12.29 -1.98 -7.33
C GLY D 10 -12.67 -2.83 -8.53
N ILE D 11 -13.21 -4.04 -8.32
CA ILE D 11 -13.61 -4.91 -9.42
C ILE D 11 -15.01 -5.41 -9.17
N THR D 12 -15.94 -5.08 -10.07
CA THR D 12 -17.28 -5.65 -10.02
C THR D 12 -17.28 -6.93 -10.86
N PHE D 13 -17.78 -8.02 -10.27
CA PHE D 13 -17.77 -9.30 -10.98
C PHE D 13 -19.02 -9.37 -11.87
N GLU D 14 -18.89 -8.78 -13.06
CA GLU D 14 -19.91 -8.83 -14.09
C GLU D 14 -19.22 -8.85 -15.44
N ILE D 15 -19.89 -9.44 -16.44
CA ILE D 15 -19.31 -9.54 -17.77
C ILE D 15 -18.99 -8.15 -18.29
N GLY D 16 -17.79 -8.01 -18.88
CA GLY D 16 -17.37 -6.76 -19.45
C GLY D 16 -16.64 -5.84 -18.50
N ALA D 17 -16.68 -6.12 -17.21
CA ALA D 17 -15.96 -5.28 -16.24
C ALA D 17 -14.47 -5.33 -16.52
N ARG D 18 -13.81 -4.18 -16.39
CA ARG D 18 -12.38 -4.09 -16.63
C ARG D 18 -11.59 -4.17 -15.34
N LEU D 19 -10.34 -4.60 -15.48
CA LEU D 19 -9.42 -4.82 -14.38
C LEU D 19 -8.04 -4.99 -15.01
N GLU D 20 -7.05 -5.30 -14.18
CA GLU D 20 -5.73 -5.70 -14.67
C GLU D 20 -5.45 -7.11 -14.15
N ALA D 21 -4.80 -7.91 -14.98
CA ALA D 21 -4.57 -9.31 -14.63
C ALA D 21 -3.18 -9.74 -15.06
N LEU D 22 -2.62 -10.65 -14.28
CA LEU D 22 -1.32 -11.24 -14.59
C LEU D 22 -1.55 -12.44 -15.50
N ASP D 23 -0.91 -12.43 -16.66
CA ASP D 23 -1.00 -13.58 -17.54
C ASP D 23 -0.08 -14.70 -17.04
N TYR D 24 -0.10 -15.83 -17.73
CA TYR D 24 0.74 -16.95 -17.34
C TYR D 24 2.22 -16.64 -17.46
N LEU D 25 2.58 -15.61 -18.23
CA LEU D 25 3.96 -15.16 -18.35
C LEU D 25 4.32 -14.09 -17.33
N GLN D 26 3.43 -13.82 -16.37
CA GLN D 26 3.74 -13.02 -15.17
C GLN D 26 3.89 -11.52 -15.46
N LYS D 27 3.10 -11.00 -16.39
CA LYS D 27 3.05 -9.58 -16.66
C LYS D 27 1.60 -9.11 -16.55
N TRP D 28 1.42 -7.86 -16.10
CA TRP D 28 0.09 -7.29 -15.92
C TRP D 28 -0.42 -6.68 -17.22
N TYR D 29 -1.72 -6.90 -17.49
CA TYR D 29 -2.36 -6.30 -18.65
C TYR D 29 -3.76 -5.83 -18.32
N PRO D 30 -4.19 -4.69 -18.86
CA PRO D 30 -5.61 -4.36 -18.82
C PRO D 30 -6.43 -5.46 -19.46
N SER D 31 -7.54 -5.81 -18.80
CA SER D 31 -8.29 -7.01 -19.13
C SER D 31 -9.77 -6.76 -18.87
N ARG D 32 -10.59 -7.68 -19.36
CA ARG D 32 -12.02 -7.64 -19.08
C ARG D 32 -12.50 -9.04 -18.71
N ILE D 33 -13.59 -9.08 -17.95
CA ILE D 33 -14.23 -10.35 -17.60
C ILE D 33 -15.04 -10.80 -18.80
N GLU D 34 -14.66 -11.95 -19.37
CA GLU D 34 -15.31 -12.50 -20.55
C GLU D 34 -16.49 -13.40 -20.17
N LYS D 35 -16.35 -14.16 -19.08
CA LYS D 35 -17.34 -15.12 -18.61
C LYS D 35 -17.14 -15.31 -17.11
N ILE D 36 -18.20 -15.70 -16.42
CA ILE D 36 -18.12 -16.03 -15.00
C ILE D 36 -18.64 -17.45 -14.78
N ASP D 37 -17.87 -18.26 -14.06
CA ASP D 37 -18.27 -19.59 -13.61
C ASP D 37 -18.73 -19.43 -12.16
N TYR D 38 -20.04 -19.31 -11.97
CA TYR D 38 -20.58 -19.00 -10.64
C TYR D 38 -20.46 -20.18 -9.67
N GLU D 39 -20.23 -21.39 -10.17
CA GLU D 39 -20.13 -22.54 -9.29
C GLU D 39 -18.72 -22.79 -8.78
N GLU D 40 -17.69 -22.39 -9.55
CA GLU D 40 -16.32 -22.49 -9.08
C GLU D 40 -15.77 -21.17 -8.57
N GLY D 41 -16.51 -20.07 -8.72
CA GLY D 41 -16.02 -18.77 -8.31
C GLY D 41 -14.82 -18.32 -9.11
N LYS D 42 -14.84 -18.59 -10.41
CA LYS D 42 -13.73 -18.22 -11.28
C LYS D 42 -14.27 -17.42 -12.46
N MET D 43 -13.42 -16.63 -13.06
CA MET D 43 -13.83 -15.89 -14.23
C MET D 43 -12.83 -16.08 -15.36
N LEU D 44 -13.35 -16.07 -16.57
CA LEU D 44 -12.53 -16.12 -17.76
C LEU D 44 -12.10 -14.70 -18.08
N VAL D 45 -10.79 -14.45 -18.02
CA VAL D 45 -10.24 -13.13 -18.17
C VAL D 45 -9.69 -13.02 -19.58
N HIS D 46 -10.11 -11.98 -20.29
CA HIS D 46 -9.57 -11.66 -21.61
C HIS D 46 -8.58 -10.52 -21.47
N PHE D 47 -7.36 -10.73 -21.99
CA PHE D 47 -6.34 -9.69 -21.95
C PHE D 47 -6.51 -8.80 -23.18
N GLU D 48 -6.85 -7.53 -22.95
CA GLU D 48 -7.14 -6.61 -24.04
C GLU D 48 -5.97 -6.54 -25.01
N ARG D 49 -6.31 -6.45 -26.30
CA ARG D 49 -5.38 -6.35 -27.43
C ARG D 49 -4.91 -7.70 -27.94
N TRP D 50 -5.07 -8.76 -27.15
CA TRP D 50 -4.50 -10.07 -27.46
C TRP D 50 -5.56 -11.04 -27.95
N SER D 51 -5.10 -12.11 -28.60
CA SER D 51 -5.99 -13.18 -29.03
C SER D 51 -6.77 -13.77 -27.86
N HIS D 52 -7.99 -14.20 -28.16
CA HIS D 52 -8.78 -14.98 -27.19
C HIS D 52 -8.17 -16.34 -26.90
N ARG D 53 -7.20 -16.81 -27.69
CA ARG D 53 -6.48 -18.02 -27.32
C ARG D 53 -5.73 -17.84 -26.01
N TYR D 54 -5.56 -16.62 -25.55
CA TYR D 54 -4.87 -16.36 -24.30
C TYR D 54 -5.81 -16.10 -23.12
N ASP D 55 -7.12 -16.23 -23.31
CA ASP D 55 -8.03 -16.02 -22.18
C ASP D 55 -7.77 -17.07 -21.11
N GLU D 56 -7.78 -16.64 -19.85
CA GLU D 56 -7.41 -17.52 -18.74
C GLU D 56 -8.48 -17.50 -17.66
N TRP D 57 -8.76 -18.68 -17.11
CA TRP D 57 -9.65 -18.79 -15.96
C TRP D 57 -8.87 -18.48 -14.68
N ILE D 58 -9.38 -17.54 -13.88
CA ILE D 58 -8.70 -17.09 -12.68
C ILE D 58 -9.71 -17.03 -11.54
N TYR D 59 -9.32 -17.52 -10.37
CA TYR D 59 -10.20 -17.49 -9.20
C TYR D 59 -10.44 -16.06 -8.74
N TRP D 60 -11.64 -15.84 -8.18
CA TRP D 60 -12.05 -14.48 -7.84
C TRP D 60 -11.08 -13.81 -6.85
N ASP D 61 -10.49 -14.58 -5.94
CA ASP D 61 -9.64 -14.03 -4.90
C ASP D 61 -8.16 -14.10 -5.23
N SER D 62 -7.80 -14.42 -6.47
CA SER D 62 -6.41 -14.60 -6.85
C SER D 62 -5.65 -13.28 -6.77
N ASN D 63 -4.37 -13.36 -6.37
CA ASN D 63 -3.50 -12.20 -6.48
C ASN D 63 -3.12 -11.87 -7.91
N ARG D 64 -3.59 -12.67 -8.87
CA ARG D 64 -3.39 -12.35 -10.27
C ARG D 64 -4.37 -11.30 -10.79
N LEU D 65 -5.30 -10.84 -9.96
CA LEU D 65 -6.25 -9.80 -10.34
C LEU D 65 -6.00 -8.55 -9.50
N ARG D 66 -6.10 -7.39 -10.12
CA ARG D 66 -6.06 -6.14 -9.38
C ARG D 66 -6.93 -5.14 -10.11
N PRO D 67 -7.55 -4.20 -9.40
CA PRO D 67 -8.39 -3.22 -10.07
C PRO D 67 -7.55 -2.20 -10.81
N LEU D 68 -8.17 -1.57 -11.80
CA LEU D 68 -7.59 -0.38 -12.39
C LEU D 68 -7.41 0.68 -11.31
N GLU D 69 -6.31 1.43 -11.40
CA GLU D 69 -6.12 2.57 -10.52
C GLU D 69 -7.09 3.69 -10.88
N ARG D 70 -7.73 4.26 -9.87
CA ARG D 70 -8.67 5.37 -10.01
C ARG D 70 -9.97 4.94 -10.69
C4 E3X E . -4.37 -9.20 1.28
C5 E3X E . -5.97 -7.39 1.20
C6 E3X E . -5.21 -6.38 3.51
C11 E3X E . -4.15 -10.83 -0.49
C7 E3X E . -3.55 -9.99 2.09
C8 E3X E . -4.71 -9.65 0.02
C9 E3X E . -6.28 -5.90 1.56
C10 E3X E . -3.32 -11.60 0.31
C12 E3X E . -3.02 -11.18 1.59
N3 E3X E . -6.54 -5.94 3.02
C1 E3X E . -4.92 -8.02 1.82
C15 E3X E . -6.84 -4.58 3.46
C2 E3X E . -4.59 -7.56 3.09
O14 E3X E . -2.78 -12.76 -0.17
C1 GOL F . -23.25 -3.55 5.17
O1 GOL F . -23.62 -2.43 4.45
C2 GOL F . -21.71 -3.55 5.23
O2 GOL F . -21.19 -4.70 5.78
C3 GOL F . -21.19 -3.19 3.82
O3 GOL F . -20.90 -1.82 3.83
C4 E3X G . 5.42 -4.21 6.87
C5 E3X G . 6.69 -3.28 5.01
C6 E3X G . 5.93 -5.15 3.34
C11 E3X G . 5.27 -3.10 9.04
C7 E3X G . 5.06 -5.40 7.51
C8 E3X G . 5.62 -3.10 7.69
C9 E3X G . 6.76 -3.05 3.47
C10 E3X G . 4.86 -4.28 9.65
C12 E3X G . 4.76 -5.43 8.88
N3 E3X G . 7.12 -4.38 2.93
C1 E3X G . 5.80 -4.22 5.52
C15 E3X G . 7.25 -4.27 1.48
C2 E3X G . 5.48 -5.27 4.66
O14 E3X G . 4.56 -4.30 10.99
C1 GOL H . 24.36 -6.02 -1.44
O1 GOL H . 24.06 -7.05 -2.36
C2 GOL H . 23.38 -4.84 -1.65
O2 GOL H . 22.17 -5.00 -0.97
C3 GOL H . 24.10 -3.56 -1.20
O3 GOL H . 23.54 -2.51 -1.93
S SO4 I . -0.10 -1.88 -6.43
O1 SO4 I . 0.53 -1.05 -5.41
O2 SO4 I . -1.52 -2.00 -6.15
O3 SO4 I . 0.17 -1.40 -7.78
O4 SO4 I . 0.52 -3.19 -6.34
S SO4 J . -0.56 4.53 3.81
O1 SO4 J . -0.98 3.97 5.09
O2 SO4 J . -1.03 5.91 3.79
O3 SO4 J . 0.89 4.44 3.72
O4 SO4 J . -1.19 3.65 2.84
C4 E3X K . -3.99 17.07 21.49
C5 E3X K . -1.68 16.42 21.27
C6 E3X K . -1.62 16.94 18.71
C11 E3X K . -6.39 17.43 21.57
C7 E3X K . -3.92 17.25 22.86
C8 E3X K . -5.21 17.27 20.85
C9 E3X K . -0.32 16.65 20.55
C10 E3X K . -6.33 17.54 22.95
C12 E3X K . -5.10 17.46 23.60
N3 E3X K . -0.53 16.05 19.22
C1 E3X K . -2.83 16.93 20.73
C15 E3X K . 0.67 16.08 18.40
C2 E3X K . -2.83 17.10 19.35
O14 E3X K . -7.47 17.75 23.68
S SO4 L . 2.19 25.80 25.70
O1 SO4 L . 0.75 25.94 25.88
O2 SO4 L . 2.84 26.59 26.75
O3 SO4 L . 2.51 26.34 24.38
O4 SO4 L . 2.55 24.39 25.75
S SO4 M . 6.45 24.70 14.49
O1 SO4 M . 6.14 24.17 15.81
O2 SO4 M . 5.77 25.97 14.27
O3 SO4 M . 7.87 24.77 14.20
O4 SO4 M . 5.88 23.73 13.55
C4 E3X N . 2.88 -13.62 -24.92
C5 E3X N . 0.71 -14.00 -23.94
C6 E3X N . 0.27 -11.47 -23.45
C11 E3X N . 5.20 -13.25 -25.51
C7 E3X N . 2.93 -14.82 -25.62
C8 E3X N . 4.00 -12.80 -24.97
C9 E3X N . -0.73 -13.49 -23.71
C10 E3X N . 5.25 -14.48 -26.15
C12 E3X N . 4.10 -15.27 -26.21
N3 E3X N . -0.57 -12.44 -22.67
C1 E3X N . 1.69 -13.13 -24.36
C15 E3X N . -1.85 -11.88 -22.24
C2 E3X N . 1.51 -11.80 -23.99
O14 E3X N . 6.40 -14.92 -26.73
#